data_5H45
#
_entry.id   5H45
#
_cell.length_a   156.289
_cell.length_b   156.289
_cell.length_c   156.289
_cell.angle_alpha   90.00
_cell.angle_beta   90.00
_cell.angle_gamma   90.00
#
_symmetry.space_group_name_H-M   'P 43 3 2'
#
loop_
_entity.id
_entity.type
_entity.pdbx_description
1 polymer 'DNA repair protein RadA'
2 water water
#
_entity_poly.entity_id   1
_entity_poly.type   'polypeptide(L)'
_entity_poly.pdbx_seq_one_letter_code
;MGSSHHHHHHSSGENLYFQGHMSEAFLKERPLGVPGSAVALALAGERALALEVQALAAKTPFPAPRRVVQGLDGRRVDVV
LAVLERRLGLPLANLDVYVNLAGGLKVQDPGLDLAVALAVYSAVVGRPLPADLALVGEVGLAGEVRRVAGLERRLREGER
AGFGRFLHPGNLKRLQEAVEAYLA
;
_entity_poly.pdbx_strand_id   A,B
#
# COMPACT_ATOMS: atom_id res chain seq x y z
N GLY A 33 -13.51 -3.78 -8.40
CA GLY A 33 -13.14 -2.62 -9.27
C GLY A 33 -13.27 -1.27 -8.57
N VAL A 34 -12.47 -1.04 -7.53
CA VAL A 34 -12.29 0.30 -6.93
C VAL A 34 -11.27 1.08 -7.79
N PRO A 35 -11.52 2.39 -8.04
CA PRO A 35 -10.56 3.21 -8.80
C PRO A 35 -9.20 3.30 -8.12
N GLY A 36 -8.13 3.47 -8.92
CA GLY A 36 -6.81 3.76 -8.42
C GLY A 36 -5.95 2.53 -8.33
N SER A 37 -6.32 1.52 -9.09
CA SER A 37 -5.56 0.31 -9.11
C SER A 37 -5.26 -0.13 -10.58
N ALA A 38 -3.99 -0.42 -10.89
CA ALA A 38 -3.59 -0.81 -12.27
C ALA A 38 -2.60 -1.99 -12.26
N VAL A 39 -2.71 -2.92 -13.20
CA VAL A 39 -1.82 -4.09 -13.21
C VAL A 39 -0.68 -3.89 -14.22
N ALA A 40 0.54 -3.94 -13.71
CA ALA A 40 1.71 -3.84 -14.53
C ALA A 40 2.28 -5.22 -14.78
N LEU A 41 2.78 -5.43 -16.00
CA LEU A 41 3.60 -6.60 -16.29
C LEU A 41 5.06 -6.19 -16.11
N ALA A 42 5.55 -6.41 -14.89
CA ALA A 42 6.88 -6.00 -14.49
C ALA A 42 7.99 -7.04 -14.74
N LEU A 43 9.22 -6.54 -14.84
CA LEU A 43 10.44 -7.33 -14.68
C LEU A 43 11.01 -7.00 -13.29
N ALA A 44 10.99 -7.96 -12.37
CA ALA A 44 11.62 -7.74 -11.07
C ALA A 44 12.86 -8.60 -11.07
N GLY A 45 14.02 -7.94 -11.10
CA GLY A 45 15.26 -8.61 -11.43
C GLY A 45 15.07 -9.26 -12.78
N GLU A 46 15.28 -10.56 -12.86
CA GLU A 46 15.22 -11.25 -14.16
C GLU A 46 13.82 -11.74 -14.46
N ARG A 47 12.95 -11.63 -13.46
CA ARG A 47 11.66 -12.32 -13.37
C ARG A 47 10.42 -11.46 -13.80
N ALA A 48 9.60 -11.99 -14.71
CA ALA A 48 8.34 -11.36 -15.09
C ALA A 48 7.20 -11.66 -14.12
N LEU A 49 6.56 -10.61 -13.64
CA LEU A 49 5.40 -10.74 -12.75
C LEU A 49 4.32 -9.70 -13.06
N ALA A 50 3.09 -10.12 -12.85
CA ALA A 50 1.98 -9.21 -12.88
C ALA A 50 1.85 -8.64 -11.47
N LEU A 51 2.03 -7.32 -11.32
CA LEU A 51 1.95 -6.67 -10.03
C LEU A 51 0.87 -5.61 -10.02
N GLU A 52 0.30 -5.33 -8.84
CA GLU A 52 -0.72 -4.27 -8.74
C GLU A 52 -0.13 -2.96 -8.29
N VAL A 53 -0.32 -1.93 -9.12
CA VAL A 53 0.08 -0.59 -8.74
C VAL A 53 -1.18 0.12 -8.23
N GLN A 54 -1.03 0.81 -7.11
CA GLN A 54 -2.18 1.44 -6.47
C GLN A 54 -1.89 2.92 -6.24
N ALA A 55 -2.94 3.72 -6.35
CA ALA A 55 -2.85 5.13 -6.02
C ALA A 55 -4.08 5.62 -5.26
N LEU A 56 -3.86 6.61 -4.41
CA LEU A 56 -4.92 7.28 -3.73
C LEU A 56 -4.66 8.79 -3.84
N ALA A 57 -5.72 9.53 -4.20
CA ALA A 57 -5.62 10.97 -4.21
C ALA A 57 -6.81 11.61 -3.53
N ALA A 58 -6.52 12.65 -2.75
CA ALA A 58 -7.53 13.42 -2.05
C ALA A 58 -7.07 14.90 -1.82
N LYS A 59 -8.02 15.81 -1.62
CA LYS A 59 -7.71 17.23 -1.37
C LYS A 59 -6.75 17.45 -0.20
N THR A 60 -5.67 18.18 -0.42
CA THR A 60 -4.68 18.35 0.64
C THR A 60 -5.11 19.41 1.65
N PRO A 61 -4.89 19.15 2.96
CA PRO A 61 -5.09 20.18 3.98
C PRO A 61 -3.98 21.21 4.00
N PHE A 62 -2.90 20.97 3.25
CA PHE A 62 -1.65 21.72 3.45
C PHE A 62 -1.28 22.68 2.31
N PRO A 63 -0.31 23.60 2.57
CA PRO A 63 0.22 24.53 1.55
C PRO A 63 0.78 23.79 0.34
N ALA A 64 1.62 22.79 0.61
CA ALA A 64 2.14 21.86 -0.40
C ALA A 64 1.67 20.43 -0.06
N PRO A 65 1.20 19.66 -1.08
CA PRO A 65 0.54 18.39 -0.75
C PRO A 65 1.54 17.25 -0.52
N ARG A 66 1.06 16.16 0.06
CA ARG A 66 1.92 14.98 0.33
C ARG A 66 2.13 14.17 -0.95
N ARG A 67 3.38 13.75 -1.16
CA ARG A 67 3.69 12.70 -2.13
C ARG A 67 4.25 11.53 -1.35
N VAL A 68 3.49 10.43 -1.21
CA VAL A 68 4.13 9.22 -0.73
C VAL A 68 4.17 8.05 -1.70
N VAL A 69 5.38 7.51 -1.85
CA VAL A 69 5.66 6.41 -2.76
C VAL A 69 6.22 5.21 -1.98
N GLN A 70 5.71 4.01 -2.26
CA GLN A 70 6.15 2.81 -1.58
C GLN A 70 6.40 1.73 -2.66
N GLY A 71 7.58 1.11 -2.60
CA GLY A 71 7.86 -0.04 -3.42
C GLY A 71 8.28 0.27 -4.85
N LEU A 72 8.39 1.57 -5.16
CA LEU A 72 8.69 2.09 -6.49
C LEU A 72 9.71 3.21 -6.36
N ASP A 73 10.43 3.50 -7.44
CA ASP A 73 11.34 4.66 -7.48
C ASP A 73 10.56 6.01 -7.44
N GLY A 74 10.76 6.77 -6.37
CA GLY A 74 10.14 8.07 -6.19
C GLY A 74 10.41 9.13 -7.25
N ARG A 75 11.57 9.09 -7.90
CA ARG A 75 11.83 10.06 -8.95
C ARG A 75 11.08 9.75 -10.24
N ARG A 76 10.95 8.46 -10.56
CA ARG A 76 10.16 8.07 -11.68
C ARG A 76 8.71 8.42 -11.45
N VAL A 77 8.23 8.32 -10.20
CA VAL A 77 6.80 8.61 -9.92
C VAL A 77 6.57 10.11 -10.05
N ASP A 78 7.51 10.87 -9.51
CA ASP A 78 7.59 12.27 -9.72
C ASP A 78 7.55 12.76 -11.17
N VAL A 79 8.33 12.13 -12.05
CA VAL A 79 8.27 12.47 -13.49
C VAL A 79 6.86 12.18 -14.03
N VAL A 80 6.35 10.97 -13.75
CA VAL A 80 5.04 10.59 -14.25
C VAL A 80 3.97 11.57 -13.83
N LEU A 81 4.00 12.01 -12.57
CA LEU A 81 2.98 12.93 -12.07
C LEU A 81 3.08 14.28 -12.81
N ALA A 82 4.31 14.75 -13.07
CA ALA A 82 4.49 15.97 -13.84
C ALA A 82 3.90 15.87 -15.27
N VAL A 83 4.10 14.72 -15.93
CA VAL A 83 3.45 14.45 -17.19
C VAL A 83 1.92 14.49 -17.04
N LEU A 84 1.40 13.88 -15.98
CA LEU A 84 -0.04 13.85 -15.75
C LEU A 84 -0.62 15.24 -15.56
N GLU A 85 0.06 16.08 -14.77
CA GLU A 85 -0.38 17.45 -14.54
C GLU A 85 -0.16 18.33 -15.79
N ARG A 86 1.07 18.38 -16.31
CA ARG A 86 1.43 19.31 -17.37
C ARG A 86 1.04 18.91 -18.78
N ARG A 87 1.09 17.63 -19.13
CA ARG A 87 0.66 17.22 -20.48
C ARG A 87 -0.81 16.85 -20.57
N LEU A 88 -1.38 16.30 -19.50
CA LEU A 88 -2.75 15.81 -19.55
C LEU A 88 -3.73 16.68 -18.77
N GLY A 89 -3.24 17.67 -18.06
CA GLY A 89 -4.16 18.60 -17.42
C GLY A 89 -4.84 18.08 -16.18
N LEU A 90 -4.29 17.02 -15.60
CA LEU A 90 -4.80 16.51 -14.32
C LEU A 90 -4.35 17.42 -13.15
N PRO A 91 -5.34 17.88 -12.35
CA PRO A 91 -5.14 18.95 -11.35
C PRO A 91 -4.54 18.43 -10.06
N LEU A 92 -3.26 18.09 -10.13
CA LEU A 92 -2.63 17.40 -9.03
C LEU A 92 -2.03 18.34 -8.02
N ALA A 93 -1.94 19.62 -8.35
CA ALA A 93 -1.18 20.58 -7.51
C ALA A 93 -1.75 20.76 -6.11
N ASN A 94 -3.06 20.59 -5.96
CA ASN A 94 -3.69 20.69 -4.64
C ASN A 94 -4.22 19.32 -4.13
N LEU A 95 -3.68 18.23 -4.68
CA LEU A 95 -4.07 16.88 -4.24
C LEU A 95 -2.96 16.18 -3.46
N ASP A 96 -3.32 15.51 -2.37
CA ASP A 96 -2.43 14.53 -1.76
C ASP A 96 -2.43 13.31 -2.68
N VAL A 97 -1.25 12.73 -2.87
CA VAL A 97 -1.09 11.58 -3.76
C VAL A 97 -0.24 10.50 -3.09
N TYR A 98 -0.75 9.28 -3.17
CA TYR A 98 -0.03 8.15 -2.58
C TYR A 98 0.00 7.08 -3.65
N VAL A 99 1.18 6.50 -3.82
CA VAL A 99 1.32 5.46 -4.82
C VAL A 99 2.01 4.29 -4.14
N ASN A 100 1.41 3.13 -4.36
CA ASN A 100 1.81 1.95 -3.67
C ASN A 100 1.97 0.76 -4.62
N LEU A 101 3.15 0.14 -4.58
CA LEU A 101 3.34 -1.15 -5.21
C LEU A 101 2.96 -2.29 -4.29
N ALA A 102 1.80 -2.88 -4.50
CA ALA A 102 1.34 -3.97 -3.68
C ALA A 102 2.19 -5.22 -3.84
N GLY A 103 2.46 -5.90 -2.73
CA GLY A 103 3.05 -7.22 -2.80
C GLY A 103 4.34 -7.29 -2.02
N GLY A 104 4.84 -6.16 -1.53
CA GLY A 104 6.06 -6.21 -0.76
C GLY A 104 7.32 -5.85 -1.50
N LEU A 105 7.39 -6.14 -2.81
CA LEU A 105 8.66 -5.95 -3.55
C LEU A 105 9.03 -4.50 -3.76
N LYS A 106 10.30 -4.20 -3.90
CA LYS A 106 10.71 -2.88 -4.36
C LYS A 106 11.24 -3.11 -5.79
N VAL A 107 10.56 -2.53 -6.77
CA VAL A 107 10.92 -2.76 -8.15
C VAL A 107 11.23 -1.44 -8.82
N GLN A 108 12.38 -1.35 -9.46
CA GLN A 108 12.68 -0.19 -10.27
C GLN A 108 12.65 -0.76 -11.64
N ASP A 109 11.79 -0.23 -12.48
CA ASP A 109 11.55 -0.85 -13.78
C ASP A 109 10.79 0.21 -14.50
N PRO A 110 11.37 0.69 -15.59
CA PRO A 110 10.73 1.79 -16.29
C PRO A 110 9.41 1.30 -16.81
N GLY A 111 9.35 -0.02 -17.06
CA GLY A 111 8.16 -0.66 -17.55
C GLY A 111 6.96 -0.45 -16.67
N LEU A 112 7.16 -0.12 -15.39
CA LEU A 112 6.00 0.15 -14.51
C LEU A 112 5.34 1.53 -14.70
N ASP A 113 5.98 2.44 -15.44
CA ASP A 113 5.46 3.83 -15.54
C ASP A 113 3.99 3.87 -15.98
N LEU A 114 3.62 3.00 -16.92
CA LEU A 114 2.30 3.09 -17.50
C LEU A 114 1.27 2.83 -16.46
N ALA A 115 1.48 1.75 -15.70
CA ALA A 115 0.53 1.41 -14.63
C ALA A 115 0.44 2.52 -13.61
N VAL A 116 1.58 3.09 -13.25
CA VAL A 116 1.59 4.17 -12.29
C VAL A 116 0.76 5.34 -12.81
N ALA A 117 1.05 5.81 -14.04
CA ALA A 117 0.28 6.90 -14.64
C ALA A 117 -1.22 6.62 -14.65
N LEU A 118 -1.60 5.42 -15.06
CA LEU A 118 -3.03 5.11 -15.15
C LEU A 118 -3.68 4.96 -13.78
N ALA A 119 -2.96 4.39 -12.81
CA ALA A 119 -3.49 4.19 -11.47
C ALA A 119 -3.81 5.56 -10.88
N VAL A 120 -2.86 6.49 -11.03
CA VAL A 120 -3.05 7.83 -10.51
C VAL A 120 -4.24 8.54 -11.18
N TYR A 121 -4.29 8.50 -12.51
CA TYR A 121 -5.36 9.12 -13.25
C TYR A 121 -6.68 8.60 -12.74
N SER A 122 -6.84 7.28 -12.83
CA SER A 122 -8.01 6.57 -12.31
C SER A 122 -8.43 7.04 -10.93
N ALA A 123 -7.48 7.07 -9.99
CA ALA A 123 -7.73 7.47 -8.63
C ALA A 123 -8.30 8.89 -8.54
N VAL A 124 -7.70 9.81 -9.28
CA VAL A 124 -8.04 11.22 -9.26
C VAL A 124 -9.45 11.47 -9.78
N VAL A 125 -9.84 10.65 -10.73
CA VAL A 125 -11.02 10.90 -11.54
C VAL A 125 -12.13 9.93 -11.12
N GLY A 126 -11.85 9.10 -10.12
CA GLY A 126 -12.84 8.18 -9.56
C GLY A 126 -13.43 7.15 -10.49
N ARG A 127 -12.77 6.84 -11.60
CA ARG A 127 -13.23 5.77 -12.52
C ARG A 127 -12.20 4.64 -12.61
N PRO A 128 -12.64 3.38 -12.45
CA PRO A 128 -11.69 2.25 -12.38
C PRO A 128 -11.35 1.67 -13.74
N LEU A 129 -10.33 0.83 -13.81
CA LEU A 129 -9.90 0.23 -15.06
C LEU A 129 -10.52 -1.16 -15.11
N PRO A 130 -10.67 -1.74 -16.30
CA PRO A 130 -11.21 -3.11 -16.25
C PRO A 130 -10.29 -4.07 -15.49
N ALA A 131 -10.90 -5.10 -14.94
CA ALA A 131 -10.15 -6.08 -14.20
C ALA A 131 -9.25 -6.95 -15.10
N ASP A 132 -9.54 -7.01 -16.40
CA ASP A 132 -8.78 -7.93 -17.26
C ASP A 132 -7.62 -7.30 -18.03
N LEU A 133 -7.27 -6.06 -17.67
CA LEU A 133 -6.30 -5.26 -18.40
C LEU A 133 -4.93 -5.23 -17.71
N ALA A 134 -3.88 -5.46 -18.49
CA ALA A 134 -2.51 -5.37 -17.97
C ALA A 134 -1.73 -4.37 -18.80
N LEU A 135 -0.75 -3.73 -18.17
CA LEU A 135 -0.07 -2.58 -18.75
C LEU A 135 1.43 -2.67 -18.70
N VAL A 136 2.10 -2.22 -19.76
CA VAL A 136 3.56 -2.16 -19.80
C VAL A 136 3.94 -0.88 -20.51
N GLY A 137 4.88 -0.11 -19.94
CA GLY A 137 5.56 0.92 -20.72
C GLY A 137 6.26 1.97 -19.94
N GLU A 138 7.41 2.41 -20.46
CA GLU A 138 8.04 3.62 -19.96
C GLU A 138 7.25 4.84 -20.42
N VAL A 139 7.24 5.88 -19.60
CA VAL A 139 6.54 7.12 -19.93
C VAL A 139 7.53 8.26 -20.00
N GLY A 140 7.64 8.89 -21.16
CA GLY A 140 8.52 10.04 -21.27
C GLY A 140 7.90 11.36 -20.83
N LEU A 141 8.73 12.40 -20.77
CA LEU A 141 8.28 13.75 -20.44
C LEU A 141 7.32 14.38 -21.43
N ALA A 142 7.29 13.91 -22.67
CA ALA A 142 6.29 14.38 -23.63
C ALA A 142 4.98 13.63 -23.48
N GLY A 143 4.90 12.62 -22.62
CA GLY A 143 3.65 11.88 -22.46
C GLY A 143 3.56 10.68 -23.38
N GLU A 144 4.71 10.31 -23.95
CA GLU A 144 4.75 9.23 -24.92
C GLU A 144 5.04 7.95 -24.18
N VAL A 145 4.78 6.83 -24.83
CA VAL A 145 5.04 5.54 -24.25
C VAL A 145 6.22 4.88 -24.96
N ARG A 146 7.22 4.42 -24.22
CA ARG A 146 8.49 3.97 -24.79
C ARG A 146 8.82 2.49 -24.56
N ARG A 147 9.46 1.88 -25.56
CA ARG A 147 9.90 0.49 -25.52
C ARG A 147 10.59 0.14 -24.19
N VAL A 148 10.44 -1.11 -23.76
CA VAL A 148 11.19 -1.57 -22.58
C VAL A 148 11.73 -2.97 -22.81
N ALA A 149 12.72 -3.34 -22.02
CA ALA A 149 13.27 -4.70 -22.06
C ALA A 149 12.18 -5.76 -21.81
N GLY A 150 12.25 -6.87 -22.55
CA GLY A 150 11.57 -8.10 -22.17
C GLY A 150 10.10 -8.14 -22.45
N LEU A 151 9.67 -7.39 -23.47
CA LEU A 151 8.25 -7.33 -23.80
C LEU A 151 7.58 -8.68 -23.91
N GLU A 152 8.22 -9.62 -24.60
CA GLU A 152 7.57 -10.91 -24.86
C GLU A 152 7.38 -11.69 -23.58
N ARG A 153 8.40 -11.70 -22.69
CA ARG A 153 8.24 -12.36 -21.39
C ARG A 153 7.11 -11.75 -20.55
N ARG A 154 7.06 -10.41 -20.53
CA ARG A 154 6.00 -9.70 -19.84
C ARG A 154 4.63 -10.12 -20.37
N LEU A 155 4.47 -10.15 -21.69
CA LEU A 155 3.18 -10.49 -22.28
C LEU A 155 2.75 -11.93 -22.01
N ARG A 156 3.68 -12.86 -22.18
CA ARG A 156 3.46 -14.27 -21.82
C ARG A 156 3.02 -14.44 -20.36
N GLU A 157 3.64 -13.71 -19.45
CA GLU A 157 3.26 -13.84 -18.06
C GLU A 157 1.86 -13.27 -17.82
N GLY A 158 1.51 -12.19 -18.52
CA GLY A 158 0.16 -11.68 -18.49
C GLY A 158 -0.84 -12.69 -19.01
N GLU A 159 -0.52 -13.35 -20.13
CA GLU A 159 -1.44 -14.34 -20.68
C GLU A 159 -1.64 -15.42 -19.63
N ARG A 160 -0.54 -16.01 -19.20
CA ARG A 160 -0.54 -17.04 -18.20
C ARG A 160 -1.30 -16.66 -16.92
N ALA A 161 -1.15 -15.43 -16.45
CA ALA A 161 -1.86 -14.98 -15.26
C ALA A 161 -3.36 -14.74 -15.50
N GLY A 162 -3.83 -14.92 -16.74
CA GLY A 162 -5.25 -14.77 -17.03
C GLY A 162 -5.77 -13.44 -17.51
N PHE A 163 -4.92 -12.53 -17.97
CA PHE A 163 -5.42 -11.24 -18.45
C PHE A 163 -5.86 -11.33 -19.90
N GLY A 164 -6.87 -10.54 -20.24
CA GLY A 164 -7.49 -10.66 -21.55
C GLY A 164 -7.03 -9.58 -22.52
N ARG A 165 -6.73 -8.39 -21.98
CA ARG A 165 -6.39 -7.21 -22.77
C ARG A 165 -5.11 -6.53 -22.29
N PHE A 166 -4.33 -6.05 -23.26
CA PHE A 166 -3.00 -5.49 -22.99
C PHE A 166 -2.73 -4.12 -23.62
N LEU A 167 -2.10 -3.25 -22.82
CA LEU A 167 -1.54 -2.02 -23.32
C LEU A 167 -0.04 -2.06 -23.13
N HIS A 168 0.70 -1.96 -24.24
CA HIS A 168 2.17 -1.98 -24.24
C HIS A 168 2.73 -1.14 -25.39
N PRO A 169 4.05 -0.87 -25.38
CA PRO A 169 4.65 -0.03 -26.44
C PRO A 169 4.44 -0.52 -27.88
N GLY A 170 4.12 -1.79 -28.05
CA GLY A 170 3.73 -2.29 -29.39
C GLY A 170 2.37 -1.84 -29.91
N ASN A 171 1.45 -1.42 -29.05
CA ASN A 171 0.13 -1.03 -29.49
C ASN A 171 -0.34 0.28 -28.87
N LEU A 172 0.58 0.98 -28.20
CA LEU A 172 0.23 2.27 -27.64
C LEU A 172 1.42 3.20 -27.78
N LYS A 173 1.17 4.44 -28.18
CA LYS A 173 2.23 5.43 -28.42
C LYS A 173 2.21 6.56 -27.39
N ARG A 174 1.00 6.92 -26.94
CA ARG A 174 0.86 8.03 -25.99
C ARG A 174 -0.05 7.67 -24.81
N LEU A 175 0.21 8.31 -23.67
CA LEU A 175 -0.69 8.23 -22.54
C LEU A 175 -2.12 8.60 -22.91
N GLN A 176 -2.32 9.74 -23.58
CA GLN A 176 -3.68 10.13 -24.04
C GLN A 176 -4.53 8.99 -24.62
N GLU A 177 -3.99 8.16 -25.50
CA GLU A 177 -4.77 7.09 -26.11
C GLU A 177 -5.30 6.18 -25.03
N ALA A 178 -4.43 5.81 -24.07
CA ALA A 178 -4.81 4.91 -22.96
C ALA A 178 -5.92 5.50 -22.10
N VAL A 179 -5.78 6.78 -21.79
CA VAL A 179 -6.80 7.51 -21.04
C VAL A 179 -8.11 7.59 -21.82
N GLU A 180 -8.05 7.82 -23.12
CA GLU A 180 -9.28 7.88 -23.90
C GLU A 180 -9.94 6.51 -23.98
N ALA A 181 -9.15 5.48 -24.18
CA ALA A 181 -9.70 4.14 -24.38
C ALA A 181 -10.33 3.53 -23.10
N TYR A 182 -9.90 4.00 -21.92
CA TYR A 182 -10.31 3.31 -20.70
C TYR A 182 -10.79 4.18 -19.57
N LEU A 183 -10.36 5.44 -19.54
CA LEU A 183 -10.80 6.32 -18.49
C LEU A 183 -11.70 7.42 -19.04
N ALA A 184 -12.49 7.02 -20.07
CA ALA A 184 -13.64 7.73 -20.59
C ALA A 184 -13.33 9.20 -20.74
N LYS B 28 7.64 -12.67 27.23
CA LYS B 28 7.22 -11.27 26.97
C LYS B 28 5.87 -10.99 27.66
N GLU B 29 5.96 -10.38 28.86
CA GLU B 29 4.78 -9.98 29.63
C GLU B 29 4.51 -8.46 29.67
N ARG B 30 3.48 -8.06 28.94
CA ARG B 30 3.33 -6.71 28.41
C ARG B 30 2.14 -5.97 29.04
N PRO B 31 2.00 -4.67 28.72
CA PRO B 31 1.01 -3.82 29.37
C PRO B 31 -0.43 -4.29 29.08
N LEU B 32 -1.26 -4.39 30.11
CA LEU B 32 -2.60 -4.95 29.93
C LEU B 32 -3.64 -3.85 29.71
N GLY B 33 -4.46 -4.01 28.68
CA GLY B 33 -5.50 -3.03 28.37
C GLY B 33 -5.08 -1.58 28.09
N VAL B 34 -3.82 -1.36 27.72
CA VAL B 34 -3.45 -0.05 27.20
C VAL B 34 -3.75 -0.06 25.68
N PRO B 35 -4.55 0.93 25.21
CA PRO B 35 -4.83 1.00 23.77
C PRO B 35 -3.50 1.23 23.01
N GLY B 36 -3.49 0.92 21.72
CA GLY B 36 -2.30 1.16 20.92
C GLY B 36 -1.35 -0.01 20.89
N SER B 37 -1.79 -1.18 21.35
CA SER B 37 -0.98 -2.37 21.33
C SER B 37 -1.61 -3.49 20.46
N ALA B 38 -0.81 -4.12 19.62
CA ALA B 38 -1.30 -5.12 18.65
C ALA B 38 -0.24 -6.16 18.36
N VAL B 39 -0.59 -7.43 18.49
CA VAL B 39 0.39 -8.47 18.24
C VAL B 39 0.42 -8.93 16.80
N ALA B 40 1.61 -8.90 16.19
CA ALA B 40 1.77 -9.38 14.81
C ALA B 40 2.47 -10.72 14.77
N LEU B 41 2.02 -11.61 13.90
CA LEU B 41 2.78 -12.85 13.67
C LEU B 41 3.72 -12.60 12.49
N ALA B 42 4.96 -12.22 12.79
CA ALA B 42 5.85 -11.71 11.78
C ALA B 42 6.83 -12.77 11.27
N LEU B 43 7.47 -12.50 10.13
CA LEU B 43 8.67 -13.20 9.68
C LEU B 43 9.82 -12.24 9.83
N ALA B 44 10.73 -12.49 10.78
CA ALA B 44 11.94 -11.68 10.92
C ALA B 44 13.09 -12.52 10.36
N GLY B 45 13.66 -12.04 9.26
CA GLY B 45 14.51 -12.88 8.46
C GLY B 45 13.64 -14.07 8.07
N GLU B 46 14.09 -15.25 8.49
CA GLU B 46 13.47 -16.52 8.13
C GLU B 46 12.56 -17.10 9.25
N ARG B 47 12.54 -16.42 10.38
CA ARG B 47 11.91 -16.93 11.56
C ARG B 47 10.55 -16.30 11.90
N ALA B 48 9.53 -17.13 12.16
CA ALA B 48 8.24 -16.71 12.68
C ALA B 48 8.29 -16.26 14.16
N LEU B 49 7.90 -15.00 14.42
CA LEU B 49 7.91 -14.45 15.76
C LEU B 49 6.65 -13.68 16.00
N ALA B 50 6.13 -13.75 17.23
CA ALA B 50 4.98 -12.93 17.58
C ALA B 50 5.59 -11.68 18.21
N LEU B 51 5.22 -10.50 17.71
CA LEU B 51 5.81 -9.25 18.15
C LEU B 51 4.74 -8.23 18.45
N GLU B 52 5.08 -7.32 19.36
CA GLU B 52 4.17 -6.28 19.77
C GLU B 52 4.42 -4.99 19.02
N VAL B 53 3.43 -4.58 18.22
CA VAL B 53 3.40 -3.26 17.60
C VAL B 53 2.66 -2.30 18.53
N GLN B 54 3.31 -1.19 18.86
CA GLN B 54 2.75 -0.16 19.78
C GLN B 54 2.57 1.15 19.03
N ALA B 55 1.52 1.89 19.38
CA ALA B 55 1.27 3.18 18.74
C ALA B 55 0.72 4.10 19.79
N LEU B 56 1.02 5.39 19.63
CA LEU B 56 0.60 6.40 20.54
C LEU B 56 0.20 7.57 19.66
N ALA B 57 -0.97 8.14 19.94
CA ALA B 57 -1.54 9.24 19.17
C ALA B 57 -1.85 10.37 20.13
N ALA B 58 -1.60 11.59 19.70
CA ALA B 58 -1.78 12.73 20.55
C ALA B 58 -2.00 13.98 19.72
N LYS B 59 -2.90 14.85 20.21
CA LYS B 59 -3.20 16.16 19.63
C LYS B 59 -1.93 16.99 19.55
N THR B 60 -1.52 17.37 18.35
CA THR B 60 -0.23 18.05 18.12
C THR B 60 -0.29 19.56 18.41
N PRO B 61 0.78 20.11 19.01
CA PRO B 61 0.97 21.57 19.09
C PRO B 61 1.51 22.19 17.79
N PHE B 62 2.40 21.50 17.10
CA PHE B 62 3.00 22.04 15.85
C PHE B 62 1.99 22.12 14.67
N PRO B 63 2.33 22.88 13.62
CA PRO B 63 1.49 22.99 12.41
C PRO B 63 1.36 21.69 11.61
N ALA B 64 2.49 21.01 11.39
CA ALA B 64 2.50 19.66 10.82
C ALA B 64 2.70 18.63 11.96
N PRO B 65 1.95 17.50 11.92
CA PRO B 65 1.98 16.55 13.04
C PRO B 65 3.22 15.67 12.98
N ARG B 66 3.82 15.36 14.14
CA ARG B 66 4.97 14.46 14.18
C ARG B 66 4.61 13.02 13.70
N ARG B 67 5.51 12.41 12.96
CA ARG B 67 5.40 11.02 12.60
C ARG B 67 6.65 10.22 12.89
N VAL B 68 6.81 9.77 14.13
CA VAL B 68 7.96 8.94 14.50
C VAL B 68 7.72 7.42 14.40
N VAL B 69 8.57 6.75 13.62
CA VAL B 69 8.50 5.30 13.46
C VAL B 69 9.78 4.62 13.92
N GLN B 70 9.70 3.66 14.82
CA GLN B 70 10.90 2.95 15.25
C GLN B 70 10.76 1.42 15.15
N GLY B 71 11.78 0.82 14.53
CA GLY B 71 11.83 -0.60 14.28
C GLY B 71 11.03 -1.12 13.12
N LEU B 72 10.43 -0.22 12.34
CA LEU B 72 9.56 -0.61 11.20
C LEU B 72 9.88 0.17 9.91
N ASP B 73 9.37 -0.25 8.75
CA ASP B 73 9.47 0.59 7.55
C ASP B 73 8.49 1.80 7.56
N GLY B 74 9.01 2.99 7.92
CA GLY B 74 8.27 4.30 7.85
C GLY B 74 7.38 4.48 6.61
N ARG B 75 7.82 3.98 5.46
CA ARG B 75 7.06 4.15 4.25
C ARG B 75 5.83 3.29 4.24
N ARG B 76 5.99 2.05 4.71
CA ARG B 76 4.88 1.12 4.80
C ARG B 76 3.84 1.73 5.77
N VAL B 77 4.36 2.32 6.85
CA VAL B 77 3.56 2.94 7.87
C VAL B 77 2.74 4.09 7.31
N ASP B 78 3.39 5.03 6.62
CA ASP B 78 2.70 6.10 5.86
C ASP B 78 1.55 5.60 5.01
N VAL B 79 1.74 4.48 4.34
CA VAL B 79 0.67 3.97 3.51
C VAL B 79 -0.50 3.56 4.41
N VAL B 80 -0.16 2.89 5.52
CA VAL B 80 -1.17 2.43 6.45
C VAL B 80 -1.91 3.64 7.02
N LEU B 81 -1.15 4.66 7.47
CA LEU B 81 -1.74 5.92 8.00
C LEU B 81 -2.62 6.62 6.98
N ALA B 82 -2.25 6.53 5.72
CA ALA B 82 -3.04 7.17 4.70
C ALA B 82 -4.35 6.42 4.55
N VAL B 83 -4.30 5.10 4.54
CA VAL B 83 -5.51 4.29 4.43
C VAL B 83 -6.44 4.57 5.63
N LEU B 84 -5.87 4.70 6.82
CA LEU B 84 -6.69 4.89 7.99
C LEU B 84 -7.43 6.22 7.88
N GLU B 85 -6.71 7.25 7.45
CA GLU B 85 -7.29 8.57 7.33
C GLU B 85 -8.29 8.63 6.17
N ARG B 86 -7.90 8.14 4.99
CA ARG B 86 -8.72 8.38 3.81
C ARG B 86 -9.81 7.37 3.64
N ARG B 87 -9.53 6.11 3.87
CA ARG B 87 -10.49 5.05 3.71
C ARG B 87 -11.32 4.74 4.98
N LEU B 88 -10.80 5.06 6.17
CA LEU B 88 -11.56 4.74 7.38
C LEU B 88 -11.97 5.98 8.14
N GLY B 89 -11.62 7.16 7.62
CA GLY B 89 -11.99 8.38 8.27
C GLY B 89 -11.35 8.64 9.61
N LEU B 90 -10.21 8.01 9.94
CA LEU B 90 -9.52 8.39 11.18
C LEU B 90 -8.95 9.81 11.05
N PRO B 91 -9.20 10.67 12.06
CA PRO B 91 -8.80 12.09 12.02
C PRO B 91 -7.32 12.27 12.37
N LEU B 92 -6.45 11.76 11.50
CA LEU B 92 -5.01 11.75 11.80
C LEU B 92 -4.25 13.05 11.57
N ALA B 93 -4.80 13.94 10.76
CA ALA B 93 -4.03 15.06 10.19
C ALA B 93 -3.53 16.06 11.21
N ASN B 94 -4.18 16.12 12.36
CA ASN B 94 -3.67 16.95 13.45
C ASN B 94 -3.17 16.10 14.64
N LEU B 95 -2.89 14.82 14.39
CA LEU B 95 -2.46 13.92 15.45
C LEU B 95 -0.97 13.58 15.29
N ASP B 96 -0.21 13.82 16.35
CA ASP B 96 1.12 13.22 16.49
C ASP B 96 0.91 11.71 16.57
N VAL B 97 1.67 10.97 15.76
CA VAL B 97 1.57 9.53 15.81
C VAL B 97 2.93 8.95 16.02
N TYR B 98 3.08 8.13 17.06
CA TYR B 98 4.32 7.35 17.22
C TYR B 98 4.02 5.87 17.06
N VAL B 99 4.77 5.18 16.22
CA VAL B 99 4.63 3.72 16.10
C VAL B 99 5.96 3.04 16.47
N ASN B 100 5.91 1.97 17.27
CA ASN B 100 7.13 1.33 17.81
C ASN B 100 7.00 -0.18 17.80
N LEU B 101 7.98 -0.87 17.25
CA LEU B 101 8.05 -2.33 17.41
C LEU B 101 8.78 -2.69 18.71
N ALA B 102 8.06 -3.09 19.74
CA ALA B 102 8.70 -3.50 21.01
C ALA B 102 9.80 -4.58 20.81
N GLY B 103 10.92 -4.45 21.52
CA GLY B 103 11.97 -5.48 21.59
C GLY B 103 13.23 -5.24 20.77
N GLY B 104 13.40 -4.04 20.21
CA GLY B 104 14.62 -3.72 19.51
C GLY B 104 14.91 -4.26 18.12
N LEU B 105 14.13 -5.22 17.64
CA LEU B 105 14.31 -5.66 16.26
C LEU B 105 13.83 -4.64 15.28
N LYS B 106 14.32 -4.80 14.06
CA LYS B 106 13.93 -3.97 12.93
C LYS B 106 13.38 -4.93 11.92
N VAL B 107 12.11 -4.83 11.57
CA VAL B 107 11.50 -5.85 10.74
C VAL B 107 10.78 -5.24 9.54
N GLN B 108 11.00 -5.80 8.36
CA GLN B 108 10.47 -5.25 7.14
C GLN B 108 9.16 -5.85 6.68
N ASP B 109 8.85 -7.01 7.23
CA ASP B 109 7.71 -7.82 6.83
C ASP B 109 6.42 -7.04 6.54
N PRO B 110 5.90 -7.16 5.32
CA PRO B 110 4.63 -6.59 4.90
C PRO B 110 3.49 -7.14 5.71
N GLY B 111 3.71 -8.31 6.31
CA GLY B 111 2.70 -8.99 7.14
C GLY B 111 2.40 -8.25 8.45
N LEU B 112 3.26 -7.31 8.80
CA LEU B 112 3.06 -6.41 9.93
C LEU B 112 2.05 -5.28 9.74
N ASP B 113 1.56 -5.08 8.51
CA ASP B 113 0.72 -3.93 8.22
C ASP B 113 -0.54 -3.93 9.09
N LEU B 114 -1.21 -5.08 9.13
CA LEU B 114 -2.46 -5.22 9.86
C LEU B 114 -2.36 -4.73 11.31
N ALA B 115 -1.32 -5.23 11.99
CA ALA B 115 -1.06 -4.88 13.36
C ALA B 115 -0.73 -3.37 13.51
N VAL B 116 0.09 -2.83 12.62
CA VAL B 116 0.31 -1.38 12.58
C VAL B 116 -1.04 -0.60 12.44
N ALA B 117 -1.88 -1.07 11.52
CA ALA B 117 -3.17 -0.42 11.23
C ALA B 117 -4.01 -0.46 12.47
N LEU B 118 -4.10 -1.64 13.11
CA LEU B 118 -4.93 -1.75 14.29
C LEU B 118 -4.32 -1.09 15.55
N ALA B 119 -3.01 -1.16 15.75
CA ALA B 119 -2.42 -0.44 16.88
C ALA B 119 -2.77 1.04 16.81
N VAL B 120 -2.65 1.60 15.62
CA VAL B 120 -2.79 3.03 15.48
C VAL B 120 -4.25 3.35 15.71
N TYR B 121 -5.13 2.56 15.09
CA TYR B 121 -6.55 2.80 15.27
C TYR B 121 -6.92 2.73 16.77
N SER B 122 -6.45 1.70 17.42
CA SER B 122 -6.68 1.53 18.83
C SER B 122 -6.18 2.74 19.65
N ALA B 123 -5.02 3.27 19.27
CA ALA B 123 -4.40 4.39 19.99
C ALA B 123 -5.18 5.68 19.80
N VAL B 124 -5.75 5.85 18.62
CA VAL B 124 -6.52 7.03 18.31
C VAL B 124 -7.89 7.03 18.96
N VAL B 125 -8.61 5.91 18.90
CA VAL B 125 -9.95 5.93 19.46
C VAL B 125 -9.94 5.61 20.95
N GLY B 126 -8.77 5.22 21.47
CA GLY B 126 -8.58 4.98 22.90
C GLY B 126 -9.25 3.76 23.48
N ARG B 127 -9.34 2.67 22.72
CA ARG B 127 -9.81 1.37 23.27
C ARG B 127 -8.87 0.27 22.83
N PRO B 128 -8.55 -0.66 23.73
CA PRO B 128 -7.52 -1.64 23.40
C PRO B 128 -8.06 -2.86 22.63
N LEU B 129 -7.15 -3.73 22.18
CA LEU B 129 -7.53 -4.93 21.47
C LEU B 129 -7.53 -6.05 22.46
N PRO B 130 -8.26 -7.13 22.19
CA PRO B 130 -8.11 -8.30 23.10
C PRO B 130 -6.68 -8.79 23.19
N ALA B 131 -6.31 -9.26 24.36
CA ALA B 131 -4.99 -9.82 24.61
C ALA B 131 -4.78 -11.20 24.00
N ASP B 132 -5.83 -11.88 23.54
CA ASP B 132 -5.67 -13.23 22.97
C ASP B 132 -5.62 -13.24 21.41
N LEU B 133 -5.60 -12.04 20.80
CA LEU B 133 -5.66 -11.84 19.34
C LEU B 133 -4.30 -11.57 18.70
N ALA B 134 -4.02 -12.28 17.60
CA ALA B 134 -2.79 -12.09 16.80
C ALA B 134 -3.14 -11.79 15.34
N LEU B 135 -2.27 -11.00 14.71
CA LEU B 135 -2.66 -10.35 13.48
C LEU B 135 -1.62 -10.56 12.37
N VAL B 136 -2.12 -10.87 11.18
CA VAL B 136 -1.25 -11.10 10.02
C VAL B 136 -1.93 -10.47 8.80
N GLY B 137 -1.22 -9.58 8.08
CA GLY B 137 -1.70 -9.15 6.75
C GLY B 137 -1.08 -7.92 6.10
N GLU B 138 -1.06 -7.92 4.75
CA GLU B 138 -0.64 -6.74 4.00
C GLU B 138 -1.83 -5.82 3.87
N VAL B 139 -1.57 -4.53 3.91
CA VAL B 139 -2.62 -3.56 3.73
C VAL B 139 -2.39 -2.76 2.45
N GLY B 140 -3.38 -2.85 1.56
CA GLY B 140 -3.42 -2.14 0.30
C GLY B 140 -4.08 -0.78 0.42
N LEU B 141 -3.80 0.08 -0.55
CA LEU B 141 -4.24 1.45 -0.54
C LEU B 141 -5.75 1.57 -0.66
N ALA B 142 -6.43 0.51 -1.07
CA ALA B 142 -7.88 0.51 -1.04
C ALA B 142 -8.47 0.09 0.31
N GLY B 143 -7.63 -0.16 1.32
CA GLY B 143 -8.12 -0.69 2.58
C GLY B 143 -8.29 -2.20 2.64
N GLU B 144 -7.86 -2.90 1.59
CA GLU B 144 -8.00 -4.37 1.56
C GLU B 144 -6.82 -5.04 2.31
N VAL B 145 -7.03 -6.29 2.73
CA VAL B 145 -5.96 -7.05 3.38
C VAL B 145 -5.47 -8.16 2.47
N ARG B 146 -4.16 -8.24 2.26
CA ARG B 146 -3.63 -9.12 1.19
C ARG B 146 -2.71 -10.22 1.69
N ARG B 147 -2.73 -11.38 1.02
CA ARG B 147 -1.85 -12.53 1.32
C ARG B 147 -0.42 -12.16 1.53
N VAL B 148 0.25 -12.91 2.41
CA VAL B 148 1.69 -12.76 2.61
C VAL B 148 2.40 -14.14 2.67
N ALA B 149 3.72 -14.15 2.56
CA ALA B 149 4.52 -15.35 2.71
C ALA B 149 4.44 -15.98 4.14
N GLY B 150 4.37 -17.32 4.17
CA GLY B 150 4.61 -18.07 5.40
C GLY B 150 3.43 -18.07 6.38
N LEU B 151 2.19 -17.98 5.87
CA LEU B 151 1.04 -17.91 6.75
C LEU B 151 1.03 -19.08 7.77
N GLU B 152 1.30 -20.29 7.29
CA GLU B 152 1.23 -21.49 8.13
C GLU B 152 2.22 -21.41 9.29
N ARG B 153 3.47 -21.11 8.96
CA ARG B 153 4.48 -20.92 9.99
C ARG B 153 4.04 -19.84 11.00
N ARG B 154 3.55 -18.72 10.49
CA ARG B 154 3.17 -17.60 11.32
C ARG B 154 2.10 -18.06 12.30
N LEU B 155 1.07 -18.73 11.79
CA LEU B 155 -0.02 -19.19 12.61
C LEU B 155 0.42 -20.24 13.66
N ARG B 156 1.35 -21.11 13.29
CA ARG B 156 1.75 -22.16 14.20
C ARG B 156 2.41 -21.53 15.39
N GLU B 157 3.22 -20.51 15.09
CA GLU B 157 4.01 -19.85 16.09
C GLU B 157 3.08 -19.05 17.04
N GLY B 158 2.00 -18.50 16.46
CA GLY B 158 1.01 -17.78 17.23
C GLY B 158 0.32 -18.75 18.18
N GLU B 159 -0.08 -19.93 17.67
CA GLU B 159 -0.64 -21.01 18.50
C GLU B 159 0.32 -21.41 19.61
N ARG B 160 1.57 -21.65 19.22
CA ARG B 160 2.57 -22.02 20.18
C ARG B 160 2.69 -20.96 21.26
N ALA B 161 2.62 -19.69 20.88
CA ALA B 161 2.81 -18.60 21.84
C ALA B 161 1.57 -18.38 22.68
N GLY B 162 0.51 -19.13 22.40
CA GLY B 162 -0.69 -19.06 23.23
C GLY B 162 -1.82 -18.14 22.81
N PHE B 163 -1.92 -17.79 21.54
CA PHE B 163 -3.01 -16.94 21.12
C PHE B 163 -4.20 -17.81 20.74
N GLY B 164 -5.41 -17.28 20.83
CA GLY B 164 -6.57 -18.11 20.51
C GLY B 164 -7.44 -17.58 19.39
N ARG B 165 -7.28 -16.30 19.09
CA ARG B 165 -7.99 -15.70 17.97
C ARG B 165 -7.00 -15.06 16.98
N PHE B 166 -7.33 -15.20 15.70
CA PHE B 166 -6.42 -14.81 14.62
C PHE B 166 -7.17 -14.06 13.54
N LEU B 167 -6.66 -12.87 13.18
CA LEU B 167 -7.04 -12.22 11.92
C LEU B 167 -5.86 -12.35 10.97
N HIS B 168 -6.14 -12.87 9.79
CA HIS B 168 -5.13 -13.07 8.76
C HIS B 168 -5.82 -13.06 7.41
N PRO B 169 -5.05 -13.16 6.29
CA PRO B 169 -5.73 -13.01 4.96
C PRO B 169 -6.65 -14.15 4.58
N GLY B 170 -6.41 -15.35 5.12
CA GLY B 170 -7.41 -16.44 5.07
C GLY B 170 -8.80 -16.07 5.56
N ASN B 171 -8.92 -15.25 6.60
CA ASN B 171 -10.25 -14.97 7.17
C ASN B 171 -10.64 -13.51 7.25
N LEU B 172 -9.84 -12.64 6.65
CA LEU B 172 -10.11 -11.23 6.66
C LEU B 172 -9.73 -10.61 5.29
N LYS B 173 -10.66 -9.88 4.68
CA LYS B 173 -10.48 -9.32 3.33
C LYS B 173 -10.33 -7.79 3.32
N ARG B 174 -11.09 -7.11 4.19
CA ARG B 174 -11.02 -5.65 4.30
C ARG B 174 -10.64 -5.23 5.70
N LEU B 175 -9.87 -4.17 5.79
CA LEU B 175 -9.50 -3.61 7.08
C LEU B 175 -10.72 -3.17 7.94
N GLN B 176 -11.75 -2.64 7.30
CA GLN B 176 -12.97 -2.18 7.94
C GLN B 176 -13.64 -3.28 8.76
N GLU B 177 -13.65 -4.51 8.24
CA GLU B 177 -14.18 -5.65 8.93
C GLU B 177 -13.49 -5.88 10.29
N ALA B 178 -12.16 -5.77 10.32
CA ALA B 178 -11.42 -6.01 11.54
C ALA B 178 -11.76 -4.93 12.56
N VAL B 179 -11.94 -3.71 12.09
CA VAL B 179 -12.34 -2.60 12.96
C VAL B 179 -13.74 -2.79 13.57
N GLU B 180 -14.73 -3.11 12.73
CA GLU B 180 -16.09 -3.45 13.21
C GLU B 180 -16.10 -4.57 14.21
N ALA B 181 -15.21 -5.52 14.03
CA ALA B 181 -15.08 -6.66 14.90
C ALA B 181 -14.41 -6.40 16.24
N TYR B 182 -13.51 -5.39 16.34
CA TYR B 182 -12.75 -5.28 17.58
C TYR B 182 -12.59 -3.88 18.12
N LEU B 183 -12.90 -2.86 17.34
CA LEU B 183 -12.59 -1.51 17.79
C LEU B 183 -13.72 -0.48 17.54
N ALA B 184 -14.91 -0.99 17.22
CA ALA B 184 -16.09 -0.17 16.95
C ALA B 184 -16.55 0.72 18.13
#